data_8QSO
#
_entry.id   8QSO
#
_cell.length_a   76.528
_cell.length_b   90.804
_cell.length_c   94.104
_cell.angle_alpha   90.000
_cell.angle_beta   90.000
_cell.angle_gamma   90.000
#
_symmetry.space_group_name_H-M   'P 21 21 21'
#
loop_
_entity.id
_entity.type
_entity.pdbx_description
1 polymer 'Maltose/maltodextrin-binding periplasmic protein,Induced myeloid leukemia cell differentiation protein Mcl-1'
2 branched alpha-D-glucopyranose-(1-4)-alpha-D-glucopyranose
3 non-polymer (13S,16R,19S)-16-benzyl-43-ethoxy-N-methyl-7,11,14,17-tetraoxo-13-phenyl-5-oxa-2,8,12,15,18-pentaaza-1(1,4),4(1,2)-dibenzena-9(1,4)-cyclohexanacycloicosaphane-19-carboxamide
4 water water
#
_entity_poly.entity_id   1
_entity_poly.type   'polypeptide(L)'
_entity_poly.pdbx_seq_one_letter_code
;GKIEEGKLVIWINGDKGYNGLAEVGKKFEKDTGIKVTVEHPDKLEEKFPQVAATGDGPDIIFWAHDRFGGYAQSGLLAEI
TPDKAFQDKLYPFTWDAVRYNGKLIAYPIAVEALSLIYNKDLLPNPPKTWEEIPALDKELKAKGKSALMFNLQEPYFTWP
LIAADGGYAFKYENGKYDIKDVGVDNAGAKAGLTFLVDLIKNKHMNADTDYSIAEAAFNKGETAMTINGPWAWSNIDTSK
VNYGVTVLPTFKGQPSKPFVGVLSAGINAASPNKELAKEFLENYLLTDEGLEAVNKDKPLGAVALKSYEEELAKDPRIAA
TMENAQKGEIMPNIPQMSAFWYAVRTAVINAASGRQTVDEALKDAQTGSELYRQSLEIISRYLREQATGAADTAPMGASG
ATSRKALETLRRVGDGVQRNHETAFQGMLRKLDIKNEDDVKSLSRVMIHVFSDGVTNWGRIVTLISFGAFVAKHLKTINQ
ESCIEPLAESITDVLVRTKRDWLVKQRGWDGFVEFFHV
;
_entity_poly.pdbx_strand_id   A
#
loop_
_chem_comp.id
_chem_comp.type
_chem_comp.name
_chem_comp.formula
GLC D-saccharide, alpha linking alpha-D-glucopyranose 'C6 H12 O6'
WXW non-polymer (13S,16R,19S)-16-benzyl-43-ethoxy-N-methyl-7,11,14,17-tetraoxo-13-phenyl-5-oxa-2,8,12,15,18-pentaaza-1(1,4),4(1,2)-dibenzena-9(1,4)-cyclohexanacycloicosaphane-19-carboxamide 'C46 H54 N6 O7'
#
# COMPACT_ATOMS: atom_id res chain seq x y z
N GLY A 1 -4.41 -15.06 -18.69
CA GLY A 1 -4.33 -15.55 -20.08
C GLY A 1 -2.98 -15.23 -20.72
N LYS A 2 -2.94 -14.12 -21.48
CA LYS A 2 -1.73 -13.72 -22.18
C LYS A 2 -1.77 -12.21 -22.44
N ILE A 3 -0.62 -11.57 -22.24
CA ILE A 3 -0.43 -10.16 -22.55
C ILE A 3 0.07 -10.05 -23.98
N GLU A 4 -0.45 -9.06 -24.73
CA GLU A 4 -0.19 -8.93 -26.15
C GLU A 4 1.25 -8.49 -26.39
N GLU A 5 1.96 -9.25 -27.24
CA GLU A 5 3.35 -9.00 -27.57
C GLU A 5 3.42 -7.94 -28.66
N GLY A 6 4.40 -7.03 -28.55
CA GLY A 6 4.65 -6.04 -29.59
C GLY A 6 3.93 -4.70 -29.35
N LYS A 7 3.37 -4.51 -28.14
CA LYS A 7 2.80 -3.22 -27.75
C LYS A 7 2.92 -3.05 -26.23
N LEU A 8 2.63 -1.83 -25.77
CA LEU A 8 2.65 -1.51 -24.34
C LEU A 8 1.25 -1.07 -23.88
N VAL A 9 0.77 -1.70 -22.81
CA VAL A 9 -0.41 -1.25 -22.10
C VAL A 9 0.01 -0.77 -20.72
N ILE A 10 -0.49 0.42 -20.33
CA ILE A 10 -0.11 1.06 -19.08
C ILE A 10 -1.37 1.34 -18.26
N TRP A 11 -1.33 0.98 -16.98
CA TRP A 11 -2.37 1.35 -16.03
C TRP A 11 -1.88 2.44 -15.08
N ILE A 12 -2.60 3.57 -15.05
CA ILE A 12 -2.31 4.66 -14.13
C ILE A 12 -3.62 5.18 -13.54
N ASN A 13 -3.55 5.70 -12.31
CA ASN A 13 -4.73 6.12 -11.58
C ASN A 13 -5.40 7.29 -12.32
N GLY A 14 -6.73 7.38 -12.15
CA GLY A 14 -7.55 8.34 -12.89
C GLY A 14 -7.31 9.80 -12.52
N ASP A 15 -6.67 10.04 -11.38
CA ASP A 15 -6.40 11.40 -10.91
C ASP A 15 -5.05 11.92 -11.40
N LYS A 16 -4.24 11.06 -12.03
CA LYS A 16 -2.92 11.44 -12.51
C LYS A 16 -3.00 11.93 -13.96
N GLY A 17 -1.86 12.39 -14.50
CA GLY A 17 -1.82 12.99 -15.82
C GLY A 17 -1.71 11.95 -16.93
N TYR A 18 -2.80 11.20 -17.18
CA TYR A 18 -2.76 10.06 -18.08
C TYR A 18 -2.66 10.55 -19.53
N ASN A 19 -3.24 11.72 -19.83
CA ASN A 19 -3.19 12.27 -21.18
C ASN A 19 -1.77 12.69 -21.52
N GLY A 20 -1.08 13.33 -20.57
CA GLY A 20 0.33 13.67 -20.71
C GLY A 20 1.19 12.44 -20.93
N LEU A 21 0.87 11.35 -20.23
CA LEU A 21 1.62 10.10 -20.32
C LEU A 21 1.44 9.46 -21.69
N ALA A 22 0.23 9.59 -22.26
CA ALA A 22 -0.07 9.04 -23.58
C ALA A 22 0.67 9.82 -24.67
N GLU A 23 0.92 11.11 -24.44
CA GLU A 23 1.69 11.93 -25.38
C GLU A 23 3.15 11.48 -25.40
N VAL A 24 3.67 11.00 -24.26
CA VAL A 24 5.01 10.43 -24.23
C VAL A 24 5.00 9.12 -25.02
N GLY A 25 3.88 8.38 -24.92
CA GLY A 25 3.68 7.17 -25.69
C GLY A 25 3.70 7.41 -27.20
N LYS A 26 3.21 8.59 -27.62
CA LYS A 26 3.17 8.94 -29.03
C LYS A 26 4.58 9.13 -29.58
N LYS A 27 5.44 9.81 -28.82
CA LYS A 27 6.83 9.98 -29.20
C LYS A 27 7.50 8.61 -29.32
N PHE A 28 7.18 7.70 -28.39
CA PHE A 28 7.76 6.37 -28.38
C PHE A 28 7.34 5.62 -29.64
N GLU A 29 6.05 5.75 -30.00
CA GLU A 29 5.50 5.12 -31.18
C GLU A 29 6.19 5.66 -32.44
N LYS A 30 6.31 6.99 -32.50
CA LYS A 30 6.95 7.67 -33.62
C LYS A 30 8.32 7.03 -33.89
N ASP A 31 9.11 6.83 -32.83
CA ASP A 31 10.51 6.43 -32.96
C ASP A 31 10.67 4.93 -33.25
N THR A 32 9.66 4.12 -32.89
CA THR A 32 9.82 2.68 -32.84
C THR A 32 8.72 1.94 -33.60
N GLY A 33 7.56 2.57 -33.79
CA GLY A 33 6.41 1.89 -34.36
C GLY A 33 5.57 1.17 -33.29
N ILE A 34 6.05 1.16 -32.04
CA ILE A 34 5.39 0.43 -30.96
C ILE A 34 4.35 1.35 -30.32
N LYS A 35 3.07 0.92 -30.38
CA LYS A 35 1.98 1.70 -29.84
C LYS A 35 1.92 1.56 -28.32
N VAL A 36 1.58 2.66 -27.63
CA VAL A 36 1.48 2.72 -26.19
C VAL A 36 0.06 3.18 -25.83
N THR A 37 -0.64 2.36 -25.04
CA THR A 37 -2.04 2.61 -24.67
C THR A 37 -2.13 2.81 -23.16
N VAL A 38 -2.56 4.00 -22.73
CA VAL A 38 -2.72 4.29 -21.31
C VAL A 38 -4.18 4.08 -20.94
N GLU A 39 -4.40 3.30 -19.88
CA GLU A 39 -5.72 3.04 -19.34
C GLU A 39 -5.73 3.44 -17.86
N HIS A 40 -6.91 3.88 -17.37
CA HIS A 40 -7.06 4.35 -16.00
C HIS A 40 -8.26 3.66 -15.37
N PRO A 41 -8.22 2.32 -15.19
CA PRO A 41 -9.34 1.60 -14.58
C PRO A 41 -9.50 1.93 -13.10
N ASP A 42 -10.74 1.80 -12.61
CA ASP A 42 -11.05 1.98 -11.20
C ASP A 42 -10.46 0.80 -10.42
N LYS A 43 -9.91 1.09 -9.24
CA LYS A 43 -9.44 0.07 -8.31
C LYS A 43 -8.28 -0.72 -8.93
N LEU A 44 -7.44 -0.05 -9.73
CA LEU A 44 -6.41 -0.73 -10.50
C LEU A 44 -5.40 -1.39 -9.56
N GLU A 45 -5.23 -0.83 -8.36
CA GLU A 45 -4.29 -1.35 -7.38
C GLU A 45 -4.81 -2.65 -6.78
N GLU A 46 -6.13 -2.87 -6.87
CA GLU A 46 -6.75 -4.09 -6.38
C GLU A 46 -6.88 -5.09 -7.52
N LYS A 47 -7.17 -4.58 -8.73
CA LYS A 47 -7.32 -5.42 -9.91
C LYS A 47 -5.97 -6.00 -10.35
N PHE A 48 -4.91 -5.18 -10.32
CA PHE A 48 -3.63 -5.57 -10.88
C PHE A 48 -3.22 -6.95 -10.37
N PRO A 49 -3.10 -7.18 -9.05
CA PRO A 49 -2.63 -8.48 -8.55
C PRO A 49 -3.60 -9.65 -8.79
N GLN A 50 -4.85 -9.35 -9.15
CA GLN A 50 -5.81 -10.37 -9.52
C GLN A 50 -5.53 -10.87 -10.94
N VAL A 51 -5.46 -9.93 -11.88
CA VAL A 51 -5.27 -10.27 -13.29
C VAL A 51 -3.82 -10.68 -13.54
N ALA A 52 -2.87 -10.06 -12.84
CA ALA A 52 -1.46 -10.36 -13.02
C ALA A 52 -1.14 -11.77 -12.54
N ALA A 53 -1.91 -12.25 -11.55
CA ALA A 53 -1.71 -13.58 -10.99
C ALA A 53 -2.06 -14.66 -12.02
N THR A 54 -2.97 -14.34 -12.96
CA THR A 54 -3.33 -15.25 -14.03
C THR A 54 -2.52 -14.95 -15.29
N GLY A 55 -1.39 -14.25 -15.14
CA GLY A 55 -0.50 -13.95 -16.25
C GLY A 55 -1.09 -12.94 -17.24
N ASP A 56 -2.02 -12.11 -16.75
CA ASP A 56 -2.70 -11.12 -17.58
C ASP A 56 -2.39 -9.73 -17.05
N GLY A 57 -3.12 -8.72 -17.55
CA GLY A 57 -3.01 -7.36 -17.05
C GLY A 57 -2.14 -6.47 -17.94
N PRO A 58 -1.69 -5.30 -17.42
CA PRO A 58 -0.87 -4.37 -18.20
C PRO A 58 0.61 -4.75 -18.22
N ASP A 59 1.35 -4.14 -19.14
CA ASP A 59 2.79 -4.27 -19.18
C ASP A 59 3.38 -3.48 -18.01
N ILE A 60 2.84 -2.27 -17.78
CA ILE A 60 3.36 -1.35 -16.77
C ILE A 60 2.20 -0.91 -15.87
N ILE A 61 2.46 -0.86 -14.56
CA ILE A 61 1.47 -0.43 -13.59
C ILE A 61 2.04 0.73 -12.76
N PHE A 62 1.28 1.82 -12.66
CA PHE A 62 1.65 2.97 -11.85
C PHE A 62 0.86 3.03 -10.55
N TRP A 63 1.58 3.08 -9.42
CA TRP A 63 0.98 3.40 -8.13
C TRP A 63 2.07 3.89 -7.18
N ALA A 64 1.66 4.45 -6.04
CA ALA A 64 2.59 4.73 -4.95
C ALA A 64 3.28 3.44 -4.50
N HIS A 65 4.50 3.59 -3.98
CA HIS A 65 5.41 2.47 -3.77
C HIS A 65 4.90 1.49 -2.69
N ASP A 66 3.98 1.93 -1.83
CA ASP A 66 3.58 1.15 -0.66
C ASP A 66 2.91 -0.18 -1.06
N ARG A 67 2.30 -0.21 -2.26
N ARG A 67 2.30 -0.22 -2.26
CA ARG A 67 1.58 -1.38 -2.74
CA ARG A 67 1.58 -1.39 -2.73
C ARG A 67 2.54 -2.41 -3.33
C ARG A 67 2.54 -2.41 -3.35
N PHE A 68 3.76 -1.97 -3.71
CA PHE A 68 4.63 -2.76 -4.57
C PHE A 68 5.27 -3.94 -3.84
N GLY A 69 5.51 -3.82 -2.54
CA GLY A 69 6.08 -4.93 -1.79
C GLY A 69 5.20 -6.18 -1.89
N GLY A 70 3.88 -5.97 -1.76
CA GLY A 70 2.91 -7.04 -1.87
C GLY A 70 2.93 -7.70 -3.24
N TYR A 71 3.04 -6.88 -4.28
CA TYR A 71 3.10 -7.37 -5.66
C TYR A 71 4.33 -8.26 -5.81
N ALA A 72 5.48 -7.80 -5.30
CA ALA A 72 6.74 -8.51 -5.40
C ALA A 72 6.70 -9.82 -4.60
N GLN A 73 5.99 -9.81 -3.47
CA GLN A 73 5.85 -10.99 -2.63
C GLN A 73 5.14 -12.10 -3.39
N SER A 74 4.24 -11.73 -4.31
CA SER A 74 3.48 -12.69 -5.10
C SER A 74 4.06 -12.85 -6.50
N GLY A 75 5.28 -12.34 -6.73
CA GLY A 75 6.04 -12.59 -7.94
C GLY A 75 5.45 -11.91 -9.18
N LEU A 76 4.80 -10.75 -9.01
CA LEU A 76 4.04 -10.13 -10.09
C LEU A 76 4.86 -9.08 -10.83
N LEU A 77 6.06 -8.77 -10.33
CA LEU A 77 6.86 -7.67 -10.87
C LEU A 77 8.21 -8.18 -11.35
N ALA A 78 8.67 -7.64 -12.47
CA ALA A 78 10.01 -7.90 -12.98
C ALA A 78 11.01 -7.11 -12.15
N GLU A 79 12.17 -7.72 -11.86
CA GLU A 79 13.28 -7.00 -11.25
C GLU A 79 13.79 -5.98 -12.25
N ILE A 80 14.06 -4.75 -11.78
CA ILE A 80 14.63 -3.74 -12.65
C ILE A 80 16.09 -3.55 -12.27
N THR A 81 16.94 -3.36 -13.29
CA THR A 81 18.38 -3.40 -13.13
C THR A 81 19.00 -2.23 -13.92
N PRO A 82 18.65 -0.97 -13.59
CA PRO A 82 19.24 0.18 -14.28
C PRO A 82 20.73 0.26 -13.95
N ASP A 83 21.52 0.80 -14.89
CA ASP A 83 22.95 0.99 -14.64
C ASP A 83 23.14 2.17 -13.70
N LYS A 84 24.36 2.31 -13.19
CA LYS A 84 24.65 3.30 -12.16
C LYS A 84 24.37 4.70 -12.71
N ALA A 85 24.71 4.92 -13.98
CA ALA A 85 24.56 6.21 -14.63
C ALA A 85 23.10 6.67 -14.57
N PHE A 86 22.16 5.74 -14.72
CA PHE A 86 20.75 6.08 -14.70
C PHE A 86 20.25 6.28 -13.27
N GLN A 87 20.74 5.46 -12.33
CA GLN A 87 20.35 5.56 -10.93
C GLN A 87 20.74 6.92 -10.35
N ASP A 88 21.86 7.49 -10.84
CA ASP A 88 22.39 8.75 -10.34
C ASP A 88 21.50 9.93 -10.72
N LYS A 89 20.62 9.75 -11.72
CA LYS A 89 19.73 10.81 -12.16
C LYS A 89 18.54 10.98 -11.22
N LEU A 90 18.24 9.97 -10.39
CA LEU A 90 17.15 10.07 -9.44
C LEU A 90 17.73 10.14 -8.03
N TYR A 91 16.94 10.74 -7.11
CA TYR A 91 17.35 10.90 -5.72
C TYR A 91 17.44 9.52 -5.07
N PRO A 92 18.54 9.22 -4.34
CA PRO A 92 18.72 7.92 -3.70
C PRO A 92 17.57 7.42 -2.84
N PHE A 93 16.86 8.33 -2.18
CA PHE A 93 15.78 7.94 -1.27
C PHE A 93 14.55 7.49 -2.06
N THR A 94 14.44 7.90 -3.33
CA THR A 94 13.36 7.42 -4.18
C THR A 94 13.63 5.97 -4.55
N TRP A 95 14.91 5.62 -4.76
CA TRP A 95 15.31 4.26 -5.09
C TRP A 95 15.08 3.34 -3.89
N ASP A 96 15.29 3.89 -2.69
CA ASP A 96 15.06 3.18 -1.45
C ASP A 96 13.57 2.81 -1.35
N ALA A 97 12.69 3.74 -1.71
CA ALA A 97 11.26 3.49 -1.65
C ALA A 97 10.89 2.22 -2.42
N VAL A 98 11.60 1.94 -3.52
CA VAL A 98 11.26 0.86 -4.44
C VAL A 98 12.21 -0.33 -4.28
N ARG A 99 12.94 -0.42 -3.18
CA ARG A 99 13.78 -1.59 -2.94
C ARG A 99 13.07 -2.52 -1.97
N TYR A 100 12.91 -3.78 -2.38
CA TYR A 100 12.26 -4.80 -1.56
C TYR A 100 13.09 -6.07 -1.62
N ASN A 101 13.62 -6.50 -0.46
CA ASN A 101 14.46 -7.68 -0.34
C ASN A 101 15.69 -7.53 -1.25
N GLY A 102 16.34 -6.37 -1.14
CA GLY A 102 17.58 -6.07 -1.85
C GLY A 102 17.43 -6.05 -3.38
N LYS A 103 16.20 -5.88 -3.87
CA LYS A 103 15.94 -5.83 -5.30
C LYS A 103 15.08 -4.62 -5.62
N LEU A 104 15.43 -3.91 -6.70
CA LEU A 104 14.63 -2.81 -7.21
C LEU A 104 13.48 -3.40 -8.03
N ILE A 105 12.25 -3.01 -7.67
CA ILE A 105 11.06 -3.63 -8.24
C ILE A 105 10.19 -2.61 -8.96
N ALA A 106 10.67 -1.36 -9.09
CA ALA A 106 9.93 -0.32 -9.79
C ALA A 106 10.85 0.85 -10.12
N TYR A 107 10.42 1.70 -11.05
CA TYR A 107 11.07 2.98 -11.31
C TYR A 107 10.33 4.07 -10.55
N PRO A 108 11.01 4.84 -9.66
CA PRO A 108 10.38 5.98 -9.00
C PRO A 108 10.20 7.19 -9.91
N ILE A 109 9.06 7.88 -9.76
CA ILE A 109 8.64 8.94 -10.66
C ILE A 109 8.58 10.28 -9.91
N ALA A 110 7.86 10.30 -8.79
CA ALA A 110 7.50 11.55 -8.13
C ALA A 110 7.22 11.33 -6.64
N VAL A 111 7.49 12.36 -5.84
CA VAL A 111 7.27 12.36 -4.40
C VAL A 111 5.98 13.12 -4.09
N GLU A 112 4.99 12.40 -3.56
CA GLU A 112 3.67 12.95 -3.29
C GLU A 112 3.50 13.15 -1.78
N ALA A 113 3.09 14.35 -1.38
CA ALA A 113 2.70 14.60 -0.01
C ALA A 113 1.47 15.50 0.02
N LEU A 114 0.60 15.30 1.02
CA LEU A 114 -0.58 16.14 1.20
C LEU A 114 -0.13 17.50 1.75
N SER A 115 -0.86 18.55 1.34
CA SER A 115 -0.68 19.89 1.87
C SER A 115 -2.04 20.50 2.24
N LEU A 116 -1.98 21.63 2.96
CA LEU A 116 -3.17 22.41 3.26
C LEU A 116 -3.36 23.41 2.12
N ILE A 117 -4.51 23.30 1.45
CA ILE A 117 -4.87 24.22 0.39
C ILE A 117 -5.95 25.16 0.91
N TYR A 118 -5.79 26.47 0.67
CA TYR A 118 -6.68 27.47 1.26
C TYR A 118 -7.07 28.52 0.22
N ASN A 119 -8.29 29.04 0.39
CA ASN A 119 -8.84 30.10 -0.43
C ASN A 119 -8.39 31.45 0.13
N LYS A 120 -7.68 32.25 -0.68
CA LYS A 120 -7.06 33.47 -0.21
C LYS A 120 -8.09 34.57 -0.01
N ASP A 121 -9.22 34.51 -0.74
CA ASP A 121 -10.26 35.52 -0.65
C ASP A 121 -11.29 35.18 0.44
N LEU A 122 -11.19 34.00 1.06
CA LEU A 122 -11.97 33.69 2.24
C LEU A 122 -11.11 33.81 3.49
N LEU A 123 -9.82 33.46 3.36
CA LEU A 123 -8.97 33.27 4.52
C LEU A 123 -7.52 33.52 4.12
N PRO A 124 -7.09 34.80 4.00
CA PRO A 124 -5.72 35.11 3.57
C PRO A 124 -4.61 34.70 4.54
N ASN A 125 -4.96 34.45 5.80
CA ASN A 125 -3.97 34.04 6.79
C ASN A 125 -4.40 32.72 7.43
N PRO A 126 -4.09 31.57 6.80
CA PRO A 126 -4.60 30.27 7.29
C PRO A 126 -4.04 29.87 8.65
N PRO A 127 -4.77 29.02 9.42
CA PRO A 127 -4.34 28.64 10.76
C PRO A 127 -3.14 27.69 10.74
N LYS A 128 -2.25 27.87 11.74
CA LYS A 128 -1.05 27.06 11.87
C LYS A 128 -1.35 25.83 12.73
N THR A 129 -2.51 25.80 13.39
CA THR A 129 -2.85 24.71 14.29
C THR A 129 -4.23 24.15 13.92
N TRP A 130 -4.40 22.86 14.19
CA TRP A 130 -5.70 22.21 14.08
C TRP A 130 -6.67 22.79 15.10
N GLU A 131 -6.14 23.14 16.29
CA GLU A 131 -6.96 23.49 17.44
C GLU A 131 -7.81 24.73 17.16
N GLU A 132 -7.40 25.56 16.20
CA GLU A 132 -8.07 26.83 15.97
C GLU A 132 -9.05 26.73 14.80
N ILE A 133 -9.25 25.52 14.27
CA ILE A 133 -10.13 25.29 13.13
C ILE A 133 -11.60 25.35 13.56
N PRO A 134 -12.01 24.82 14.73
CA PRO A 134 -13.38 25.00 15.23
C PRO A 134 -13.90 26.44 15.30
N ALA A 135 -13.09 27.36 15.81
CA ALA A 135 -13.48 28.77 15.91
C ALA A 135 -13.63 29.39 14.52
N LEU A 136 -12.72 29.05 13.60
CA LEU A 136 -12.84 29.50 12.22
C LEU A 136 -14.13 29.02 11.58
N ASP A 137 -14.52 27.76 11.85
CA ASP A 137 -15.67 27.16 11.21
C ASP A 137 -16.94 27.83 11.73
N LYS A 138 -16.97 28.07 13.05
CA LYS A 138 -18.06 28.78 13.70
C LYS A 138 -18.32 30.12 13.00
N GLU A 139 -17.25 30.90 12.79
CA GLU A 139 -17.36 32.19 12.15
C GLU A 139 -17.86 32.05 10.71
N LEU A 140 -17.26 31.12 9.96
CA LEU A 140 -17.55 30.97 8.54
C LEU A 140 -18.95 30.40 8.32
N LYS A 141 -19.45 29.60 9.25
CA LYS A 141 -20.78 29.01 9.11
C LYS A 141 -21.86 30.08 9.19
N ALA A 142 -21.61 31.14 9.98
CA ALA A 142 -22.54 32.26 10.05
C ALA A 142 -22.55 33.05 8.74
N LYS A 143 -21.52 32.87 7.90
CA LYS A 143 -21.46 33.49 6.59
C LYS A 143 -21.95 32.54 5.50
N GLY A 144 -22.31 31.30 5.88
CA GLY A 144 -22.80 30.31 4.93
C GLY A 144 -21.66 29.55 4.23
N LYS A 145 -20.50 29.47 4.89
CA LYS A 145 -19.33 28.78 4.36
C LYS A 145 -18.92 27.73 5.39
N SER A 146 -17.76 27.10 5.17
CA SER A 146 -17.15 26.25 6.19
C SER A 146 -15.63 26.42 6.18
N ALA A 147 -14.99 25.94 7.25
CA ALA A 147 -13.55 26.08 7.41
C ALA A 147 -12.82 25.08 6.51
N LEU A 148 -13.15 23.79 6.66
CA LEU A 148 -12.30 22.72 6.13
C LEU A 148 -13.13 21.53 5.68
N MET A 149 -12.82 21.04 4.47
CA MET A 149 -13.46 19.86 3.90
C MET A 149 -12.40 19.04 3.16
N PHE A 150 -12.34 17.75 3.46
CA PHE A 150 -11.44 16.83 2.77
C PHE A 150 -11.94 15.41 2.92
N ASN A 151 -11.34 14.51 2.13
CA ASN A 151 -11.79 13.13 1.99
C ASN A 151 -11.58 12.36 3.28
N LEU A 152 -12.68 12.03 3.97
CA LEU A 152 -12.61 11.27 5.21
C LEU A 152 -12.80 9.77 4.95
N GLN A 153 -13.03 9.38 3.69
CA GLN A 153 -13.28 7.98 3.36
C GLN A 153 -11.97 7.22 3.16
N GLU A 154 -10.85 7.92 2.92
CA GLU A 154 -9.57 7.28 2.71
C GLU A 154 -8.62 7.63 3.87
N PRO A 155 -8.06 6.65 4.60
CA PRO A 155 -7.19 6.95 5.74
C PRO A 155 -5.87 7.65 5.39
N TYR A 156 -5.51 7.70 4.10
CA TYR A 156 -4.38 8.48 3.63
C TYR A 156 -4.50 9.95 4.03
N PHE A 157 -5.73 10.48 4.03
CA PHE A 157 -5.99 11.88 4.29
C PHE A 157 -6.08 12.17 5.78
N THR A 158 -6.49 11.19 6.60
CA THR A 158 -6.68 11.41 8.02
C THR A 158 -5.43 11.02 8.81
N TRP A 159 -4.57 10.19 8.20
CA TRP A 159 -3.38 9.65 8.86
C TRP A 159 -2.44 10.77 9.35
N PRO A 160 -2.22 11.88 8.63
CA PRO A 160 -1.31 12.92 9.11
C PRO A 160 -1.64 13.45 10.50
N LEU A 161 -2.93 13.52 10.82
CA LEU A 161 -3.38 13.97 12.13
C LEU A 161 -3.25 12.85 13.16
N ILE A 162 -3.53 11.61 12.76
CA ILE A 162 -3.45 10.45 13.64
C ILE A 162 -2.00 10.21 14.08
N ALA A 163 -1.04 10.53 13.20
CA ALA A 163 0.37 10.26 13.45
C ALA A 163 1.04 11.43 14.17
N ALA A 164 0.42 12.61 14.13
CA ALA A 164 1.05 13.84 14.56
C ALA A 164 1.65 13.71 15.96
N ASP A 165 0.89 13.11 16.89
CA ASP A 165 1.30 13.07 18.28
C ASP A 165 1.77 11.68 18.70
N GLY A 166 2.11 10.81 17.73
CA GLY A 166 2.87 9.61 18.06
C GLY A 166 2.38 8.32 17.39
N GLY A 167 1.24 8.35 16.69
CA GLY A 167 0.78 7.17 15.97
C GLY A 167 1.78 6.75 14.89
N TYR A 168 1.92 5.43 14.66
CA TYR A 168 2.79 4.92 13.61
C TYR A 168 2.32 3.55 13.13
N ALA A 169 2.64 3.23 11.87
CA ALA A 169 2.27 1.95 11.28
C ALA A 169 3.20 0.87 11.84
N PHE A 170 4.37 0.71 11.22
CA PHE A 170 5.40 -0.19 11.71
C PHE A 170 6.67 0.61 11.95
N LYS A 171 7.28 0.45 13.13
CA LYS A 171 8.37 1.33 13.55
C LYS A 171 9.55 1.21 12.60
N TYR A 172 9.92 2.35 12.00
CA TYR A 172 11.16 2.49 11.23
C TYR A 172 12.35 2.20 12.14
N GLU A 173 13.37 1.55 11.59
CA GLU A 173 14.55 1.16 12.36
C GLU A 173 15.73 1.03 11.40
N ASN A 174 16.33 2.18 11.06
CA ASN A 174 17.56 2.25 10.29
C ASN A 174 17.31 1.75 8.86
N GLY A 175 16.21 2.21 8.26
CA GLY A 175 15.84 1.84 6.90
C GLY A 175 14.85 0.68 6.86
N LYS A 176 14.87 -0.15 7.91
CA LYS A 176 14.07 -1.36 8.02
C LYS A 176 12.82 -1.05 8.84
N TYR A 177 11.75 -1.84 8.63
CA TYR A 177 10.50 -1.68 9.38
C TYR A 177 10.17 -3.00 10.08
N ASP A 178 10.00 -2.92 11.41
CA ASP A 178 9.75 -4.08 12.26
C ASP A 178 8.25 -4.32 12.37
N ILE A 179 7.78 -5.46 11.84
CA ILE A 179 6.36 -5.79 11.83
C ILE A 179 5.90 -6.23 13.22
N LYS A 180 6.86 -6.47 14.13
CA LYS A 180 6.56 -6.91 15.48
C LYS A 180 5.89 -5.77 16.24
N ASP A 181 6.24 -4.52 15.90
CA ASP A 181 5.84 -3.36 16.67
C ASP A 181 4.97 -2.45 15.81
N VAL A 182 3.65 -2.56 16.02
CA VAL A 182 2.65 -1.75 15.33
C VAL A 182 2.08 -0.75 16.34
N GLY A 183 1.76 0.46 15.88
CA GLY A 183 1.40 1.55 16.78
C GLY A 183 0.12 2.27 16.37
N VAL A 184 -0.90 1.50 15.94
CA VAL A 184 -2.16 2.06 15.48
C VAL A 184 -3.06 2.40 16.68
N ASP A 185 -2.74 1.88 17.88
CA ASP A 185 -3.61 2.05 19.04
C ASP A 185 -2.85 2.68 20.21
N ASN A 186 -1.77 3.43 19.95
CA ASN A 186 -1.05 4.10 21.03
C ASN A 186 -1.74 5.44 21.33
N ALA A 187 -1.25 6.12 22.37
CA ALA A 187 -1.86 7.34 22.88
C ALA A 187 -1.94 8.42 21.81
N GLY A 188 -0.84 8.58 21.06
CA GLY A 188 -0.76 9.59 20.01
C GLY A 188 -1.90 9.47 19.00
N ALA A 189 -2.19 8.22 18.60
CA ALA A 189 -3.20 7.93 17.60
C ALA A 189 -4.60 8.16 18.15
N LYS A 190 -4.84 7.75 19.39
CA LYS A 190 -6.12 7.97 20.04
C LYS A 190 -6.42 9.47 20.08
N ALA A 191 -5.43 10.26 20.49
CA ALA A 191 -5.59 11.70 20.62
C ALA A 191 -5.95 12.33 19.28
N GLY A 192 -5.19 11.99 18.24
CA GLY A 192 -5.42 12.50 16.90
C GLY A 192 -6.83 12.14 16.39
N LEU A 193 -7.21 10.87 16.53
CA LEU A 193 -8.46 10.39 15.98
C LEU A 193 -9.62 10.96 16.77
N THR A 194 -9.43 11.11 18.09
CA THR A 194 -10.43 11.70 18.96
C THR A 194 -10.74 13.13 18.51
N PHE A 195 -9.68 13.89 18.17
CA PHE A 195 -9.85 15.28 17.74
C PHE A 195 -10.65 15.34 16.45
N LEU A 196 -10.38 14.40 15.52
CA LEU A 196 -11.13 14.34 14.28
C LEU A 196 -12.60 14.07 14.56
N VAL A 197 -12.88 13.14 15.47
CA VAL A 197 -14.26 12.74 15.74
C VAL A 197 -15.00 13.87 16.43
N ASP A 198 -14.29 14.67 17.24
CA ASP A 198 -14.88 15.84 17.88
C ASP A 198 -15.31 16.87 16.83
N LEU A 199 -14.48 17.08 15.79
CA LEU A 199 -14.84 17.98 14.70
C LEU A 199 -16.20 17.57 14.12
N ILE A 200 -16.42 16.27 13.97
CA ILE A 200 -17.65 15.75 13.38
C ILE A 200 -18.79 15.90 14.39
N LYS A 201 -18.52 15.62 15.67
CA LYS A 201 -19.52 15.74 16.71
C LYS A 201 -20.03 17.17 16.82
N ASN A 202 -19.14 18.16 16.70
CA ASN A 202 -19.49 19.57 16.84
C ASN A 202 -19.87 20.18 15.50
N LYS A 203 -20.04 19.33 14.48
CA LYS A 203 -20.58 19.72 13.18
C LYS A 203 -19.63 20.66 12.45
N HIS A 204 -18.32 20.47 12.62
CA HIS A 204 -17.34 21.22 11.84
C HIS A 204 -16.98 20.46 10.58
N MET A 205 -17.26 19.15 10.57
CA MET A 205 -17.05 18.32 9.40
C MET A 205 -18.11 17.21 9.38
N ASN A 206 -18.28 16.60 8.19
CA ASN A 206 -19.31 15.61 7.97
C ASN A 206 -18.64 14.27 7.63
N ALA A 207 -19.00 13.23 8.39
CA ALA A 207 -18.35 11.93 8.32
C ALA A 207 -18.49 11.29 6.94
N ASP A 208 -19.47 11.77 6.15
CA ASP A 208 -19.75 11.22 4.83
C ASP A 208 -19.06 12.02 3.74
N THR A 209 -18.19 12.97 4.12
CA THR A 209 -17.46 13.75 3.14
C THR A 209 -16.43 12.84 2.46
N ASP A 210 -16.35 12.93 1.13
CA ASP A 210 -15.43 12.13 0.35
C ASP A 210 -14.70 13.06 -0.62
N TYR A 211 -13.84 12.48 -1.48
CA TYR A 211 -12.98 13.25 -2.35
C TYR A 211 -13.81 14.17 -3.23
N SER A 212 -14.84 13.60 -3.86
CA SER A 212 -15.66 14.33 -4.82
C SER A 212 -16.33 15.54 -4.16
N ILE A 213 -16.89 15.32 -2.96
CA ILE A 213 -17.65 16.34 -2.27
C ILE A 213 -16.74 17.50 -1.88
N ALA A 214 -15.57 17.16 -1.31
CA ALA A 214 -14.60 18.15 -0.84
C ALA A 214 -14.09 18.99 -2.01
N GLU A 215 -13.75 18.32 -3.12
CA GLU A 215 -13.18 19.00 -4.28
C GLU A 215 -14.18 20.04 -4.80
N ALA A 216 -15.44 19.61 -4.99
CA ALA A 216 -16.48 20.48 -5.51
C ALA A 216 -16.67 21.70 -4.60
N ALA A 217 -16.74 21.46 -3.29
CA ALA A 217 -17.03 22.51 -2.31
C ALA A 217 -15.93 23.58 -2.35
N PHE A 218 -14.67 23.14 -2.37
CA PHE A 218 -13.55 24.06 -2.38
C PHE A 218 -13.49 24.82 -3.70
N ASN A 219 -13.72 24.12 -4.82
CA ASN A 219 -13.53 24.72 -6.14
C ASN A 219 -14.67 25.68 -6.46
N LYS A 220 -15.82 25.54 -5.80
CA LYS A 220 -16.93 26.45 -5.94
C LYS A 220 -16.82 27.61 -4.95
N GLY A 221 -15.88 27.51 -4.00
CA GLY A 221 -15.63 28.58 -3.05
C GLY A 221 -16.51 28.49 -1.81
N GLU A 222 -17.04 27.29 -1.52
CA GLU A 222 -17.98 27.10 -0.43
C GLU A 222 -17.26 26.80 0.88
N THR A 223 -15.96 26.44 0.80
CA THR A 223 -15.18 26.13 1.98
C THR A 223 -13.79 26.76 1.84
N ALA A 224 -13.22 27.20 2.97
CA ALA A 224 -12.03 28.03 2.97
C ALA A 224 -10.75 27.19 2.83
N MET A 225 -10.83 25.88 3.13
CA MET A 225 -9.65 25.04 3.17
C MET A 225 -9.97 23.61 2.74
N THR A 226 -8.97 22.95 2.14
CA THR A 226 -9.03 21.52 1.89
C THR A 226 -7.64 20.91 2.09
N ILE A 227 -7.60 19.57 2.14
CA ILE A 227 -6.35 18.83 2.18
C ILE A 227 -6.31 17.93 0.95
N ASN A 228 -5.22 18.03 0.18
CA ASN A 228 -5.08 17.28 -1.05
C ASN A 228 -3.63 17.33 -1.52
N GLY A 229 -3.36 16.61 -2.61
CA GLY A 229 -2.03 16.51 -3.19
C GLY A 229 -1.91 17.27 -4.50
N PRO A 230 -0.69 17.36 -5.08
CA PRO A 230 -0.43 18.14 -6.28
C PRO A 230 -1.33 17.88 -7.49
N TRP A 231 -1.82 16.64 -7.61
CA TRP A 231 -2.71 16.27 -8.71
C TRP A 231 -3.96 17.14 -8.72
N ALA A 232 -4.39 17.59 -7.53
CA ALA A 232 -5.63 18.34 -7.38
C ALA A 232 -5.48 19.79 -7.87
N TRP A 233 -4.24 20.32 -7.88
CA TRP A 233 -4.01 21.72 -8.19
C TRP A 233 -4.66 22.13 -9.51
N SER A 234 -4.66 21.20 -10.48
CA SER A 234 -5.07 21.47 -11.84
C SER A 234 -6.53 21.92 -11.93
N ASN A 235 -7.41 21.28 -11.16
CA ASN A 235 -8.83 21.60 -11.20
C ASN A 235 -9.12 22.92 -10.46
N ILE A 236 -8.20 23.35 -9.60
CA ILE A 236 -8.35 24.61 -8.88
C ILE A 236 -7.91 25.74 -9.80
N ASP A 237 -6.84 25.51 -10.58
CA ASP A 237 -6.40 26.47 -11.58
C ASP A 237 -7.54 26.77 -12.57
N THR A 238 -8.34 25.74 -12.89
CA THR A 238 -9.47 25.88 -13.80
C THR A 238 -10.60 26.66 -13.13
N SER A 239 -10.77 26.49 -11.81
CA SER A 239 -11.80 27.18 -11.07
C SER A 239 -11.44 28.65 -10.88
N LYS A 240 -12.38 29.43 -10.35
CA LYS A 240 -12.18 30.85 -10.07
C LYS A 240 -11.89 31.03 -8.59
N VAL A 241 -10.89 30.29 -8.10
CA VAL A 241 -10.48 30.34 -6.70
C VAL A 241 -9.00 30.72 -6.66
N ASN A 242 -8.69 31.83 -5.97
CA ASN A 242 -7.32 32.24 -5.74
C ASN A 242 -6.83 31.49 -4.50
N TYR A 243 -5.96 30.50 -4.71
CA TYR A 243 -5.63 29.54 -3.67
C TYR A 243 -4.13 29.60 -3.39
N GLY A 244 -3.77 29.20 -2.17
CA GLY A 244 -2.38 28.95 -1.81
C GLY A 244 -2.22 27.54 -1.25
N VAL A 245 -0.97 27.08 -1.19
CA VAL A 245 -0.63 25.76 -0.69
C VAL A 245 0.43 25.93 0.39
N THR A 246 0.22 25.33 1.56
CA THR A 246 1.08 25.59 2.71
C THR A 246 1.20 24.37 3.60
N VAL A 247 2.07 24.49 4.61
CA VAL A 247 2.31 23.43 5.57
C VAL A 247 0.97 23.09 6.23
N LEU A 248 0.78 21.79 6.51
CA LEU A 248 -0.37 21.30 7.24
C LEU A 248 -0.35 21.86 8.67
N PRO A 249 -1.52 21.99 9.33
CA PRO A 249 -1.55 22.52 10.69
C PRO A 249 -0.88 21.55 11.67
N THR A 250 -0.38 22.12 12.78
CA THR A 250 0.18 21.33 13.86
C THR A 250 -0.96 20.82 14.74
N PHE A 251 -0.70 19.75 15.48
CA PHE A 251 -1.61 19.22 16.48
C PHE A 251 -0.82 19.04 17.77
N LYS A 252 -1.27 19.71 18.84
CA LYS A 252 -0.60 19.66 20.14
C LYS A 252 0.84 20.13 19.99
N GLY A 253 1.06 21.12 19.12
CA GLY A 253 2.38 21.72 18.92
C GLY A 253 3.25 20.89 17.98
N GLN A 254 2.75 19.72 17.57
CA GLN A 254 3.51 18.73 16.83
C GLN A 254 3.11 18.79 15.36
N PRO A 255 4.04 18.73 14.38
CA PRO A 255 3.69 18.80 12.97
C PRO A 255 2.76 17.66 12.54
N SER A 256 1.88 17.93 11.58
CA SER A 256 1.17 16.86 10.88
C SER A 256 2.20 16.06 10.09
N LYS A 257 2.10 14.72 10.17
CA LYS A 257 3.08 13.81 9.59
C LYS A 257 2.42 12.98 8.50
N PRO A 258 2.32 13.47 7.26
CA PRO A 258 1.72 12.68 6.19
C PRO A 258 2.58 11.47 5.87
N PHE A 259 1.92 10.38 5.44
CA PHE A 259 2.61 9.27 4.81
C PHE A 259 2.90 9.67 3.37
N VAL A 260 4.19 9.68 3.02
CA VAL A 260 4.65 10.19 1.73
C VAL A 260 4.73 9.03 0.75
N GLY A 261 4.07 9.19 -0.40
CA GLY A 261 4.15 8.21 -1.47
C GLY A 261 5.12 8.61 -2.56
N VAL A 262 5.85 7.63 -3.07
CA VAL A 262 6.67 7.77 -4.27
C VAL A 262 5.93 7.05 -5.38
N LEU A 263 5.24 7.81 -6.24
CA LEU A 263 4.61 7.25 -7.42
C LEU A 263 5.67 6.48 -8.21
N SER A 264 5.39 5.20 -8.46
CA SER A 264 6.36 4.30 -9.05
C SER A 264 5.74 3.55 -10.23
N ALA A 265 6.61 3.11 -11.16
CA ALA A 265 6.20 2.33 -12.32
C ALA A 265 6.90 0.97 -12.28
N GLY A 266 6.09 -0.09 -12.14
CA GLY A 266 6.57 -1.47 -12.11
C GLY A 266 6.23 -2.18 -13.41
N ILE A 267 7.03 -3.21 -13.74
CA ILE A 267 6.83 -3.98 -14.94
C ILE A 267 6.25 -5.34 -14.55
N ASN A 268 5.10 -5.67 -15.16
CA ASN A 268 4.46 -6.97 -15.03
C ASN A 268 5.44 -8.08 -15.39
N ALA A 269 5.56 -9.07 -14.50
CA ALA A 269 6.45 -10.21 -14.72
C ALA A 269 5.99 -11.04 -15.91
N ALA A 270 4.68 -11.03 -16.20
CA ALA A 270 4.10 -11.83 -17.26
C ALA A 270 4.21 -11.12 -18.62
N SER A 271 4.80 -9.92 -18.64
CA SER A 271 4.94 -9.14 -19.86
C SER A 271 5.93 -9.81 -20.81
N PRO A 272 5.59 -9.99 -22.10
CA PRO A 272 6.57 -10.28 -23.14
C PRO A 272 7.26 -9.06 -23.76
N ASN A 273 7.05 -7.87 -23.17
CA ASN A 273 7.58 -6.62 -23.71
C ASN A 273 8.46 -5.92 -22.66
N LYS A 274 9.24 -6.69 -21.91
CA LYS A 274 9.99 -6.14 -20.79
C LYS A 274 11.05 -5.13 -21.26
N GLU A 275 11.76 -5.43 -22.36
CA GLU A 275 12.85 -4.59 -22.82
C GLU A 275 12.30 -3.28 -23.38
N LEU A 276 11.13 -3.35 -24.02
CA LEU A 276 10.44 -2.17 -24.53
C LEU A 276 9.95 -1.31 -23.36
N ALA A 277 9.44 -1.95 -22.31
CA ALA A 277 8.91 -1.24 -21.17
C ALA A 277 10.01 -0.43 -20.49
N LYS A 278 11.19 -1.04 -20.34
CA LYS A 278 12.34 -0.39 -19.71
C LYS A 278 12.83 0.77 -20.58
N GLU A 279 12.87 0.57 -21.90
CA GLU A 279 13.28 1.61 -22.84
C GLU A 279 12.34 2.81 -22.71
N PHE A 280 11.03 2.56 -22.62
CA PHE A 280 10.04 3.61 -22.49
C PHE A 280 10.27 4.40 -21.20
N LEU A 281 10.39 3.67 -20.08
CA LEU A 281 10.47 4.31 -18.77
C LEU A 281 11.78 5.08 -18.62
N GLU A 282 12.92 4.44 -18.93
CA GLU A 282 14.21 5.06 -18.67
C GLU A 282 14.44 6.25 -19.61
N ASN A 283 14.01 6.14 -20.86
CA ASN A 283 14.53 6.99 -21.92
C ASN A 283 13.47 7.91 -22.53
N TYR A 284 12.18 7.69 -22.22
CA TYR A 284 11.13 8.54 -22.74
C TYR A 284 10.41 9.25 -21.58
N LEU A 285 10.03 8.50 -20.53
CA LEU A 285 9.27 9.08 -19.44
C LEU A 285 10.21 9.85 -18.51
N LEU A 286 11.23 9.17 -17.98
CA LEU A 286 12.10 9.75 -16.97
C LEU A 286 13.16 10.63 -17.64
N THR A 287 12.66 11.63 -18.37
CA THR A 287 13.45 12.71 -18.93
C THR A 287 12.76 14.03 -18.56
N ASP A 288 13.43 15.16 -18.81
CA ASP A 288 12.84 16.46 -18.53
C ASP A 288 11.56 16.65 -19.36
N GLU A 289 11.60 16.31 -20.65
CA GLU A 289 10.48 16.56 -21.54
C GLU A 289 9.36 15.54 -21.32
N GLY A 290 9.72 14.33 -20.85
CA GLY A 290 8.72 13.32 -20.54
C GLY A 290 7.86 13.69 -19.34
N LEU A 291 8.51 14.07 -18.23
CA LEU A 291 7.80 14.43 -17.02
C LEU A 291 7.07 15.75 -17.20
N GLU A 292 7.69 16.69 -17.94
CA GLU A 292 7.08 17.95 -18.29
C GLU A 292 5.70 17.69 -18.92
N ALA A 293 5.64 16.69 -19.79
CA ALA A 293 4.43 16.36 -20.53
C ALA A 293 3.35 15.81 -19.60
N VAL A 294 3.76 15.03 -18.58
CA VAL A 294 2.82 14.48 -17.62
C VAL A 294 2.44 15.57 -16.62
N ASN A 295 3.43 16.35 -16.21
CA ASN A 295 3.26 17.38 -15.19
C ASN A 295 2.27 18.44 -15.67
N LYS A 296 2.24 18.67 -16.98
CA LYS A 296 1.42 19.70 -17.59
C LYS A 296 -0.03 19.26 -17.66
N ASP A 297 -0.27 17.94 -17.64
CA ASP A 297 -1.63 17.42 -17.57
C ASP A 297 -2.12 17.54 -16.12
N LYS A 298 -1.43 16.87 -15.19
CA LYS A 298 -1.70 16.98 -13.78
C LYS A 298 -0.38 17.06 -13.03
N PRO A 299 -0.15 18.07 -12.16
CA PRO A 299 1.10 18.15 -11.42
C PRO A 299 1.43 16.83 -10.73
N LEU A 300 2.70 16.43 -10.83
CA LEU A 300 3.20 15.21 -10.21
C LEU A 300 3.66 15.50 -8.77
N GLY A 301 3.94 16.76 -8.47
CA GLY A 301 4.54 17.16 -7.22
C GLY A 301 6.05 17.34 -7.38
N ALA A 302 6.80 16.96 -6.34
CA ALA A 302 8.25 16.90 -6.43
C ALA A 302 8.64 15.63 -7.17
N VAL A 303 9.51 15.75 -8.18
CA VAL A 303 9.82 14.62 -9.05
C VAL A 303 11.13 13.98 -8.62
N ALA A 304 11.29 12.71 -8.99
CA ALA A 304 12.42 11.89 -8.58
C ALA A 304 13.64 12.23 -9.42
N LEU A 305 13.42 12.81 -10.61
CA LEU A 305 14.49 13.17 -11.52
C LEU A 305 15.10 14.51 -11.09
N LYS A 306 16.37 14.47 -10.68
CA LYS A 306 17.06 15.61 -10.10
C LYS A 306 17.00 16.83 -11.01
N SER A 307 17.26 16.63 -12.32
CA SER A 307 17.37 17.74 -13.25
C SER A 307 16.08 18.57 -13.28
N TYR A 308 14.93 17.90 -13.38
CA TYR A 308 13.64 18.57 -13.55
C TYR A 308 13.13 19.10 -12.20
N GLU A 309 13.49 18.43 -11.10
CA GLU A 309 13.05 18.85 -9.77
C GLU A 309 13.62 20.22 -9.44
N GLU A 310 14.87 20.47 -9.88
CA GLU A 310 15.54 21.74 -9.64
C GLU A 310 14.68 22.90 -10.18
N GLU A 311 14.03 22.69 -11.32
CA GLU A 311 13.16 23.70 -11.91
C GLU A 311 11.88 23.86 -11.10
N LEU A 312 11.30 22.73 -10.65
CA LEU A 312 10.03 22.74 -9.95
C LEU A 312 10.17 23.35 -8.55
N ALA A 313 11.37 23.23 -7.95
CA ALA A 313 11.55 23.59 -6.55
C ALA A 313 11.30 25.08 -6.31
N LYS A 314 11.24 25.87 -7.39
CA LYS A 314 11.07 27.31 -7.29
C LYS A 314 9.60 27.67 -7.05
N ASP A 315 8.69 26.82 -7.56
CA ASP A 315 7.26 26.99 -7.37
C ASP A 315 6.95 26.88 -5.87
N PRO A 316 6.26 27.87 -5.27
CA PRO A 316 5.93 27.82 -3.84
C PRO A 316 5.05 26.66 -3.42
N ARG A 317 4.20 26.18 -4.33
CA ARG A 317 3.34 25.04 -4.09
C ARG A 317 4.19 23.78 -3.85
N ILE A 318 5.29 23.66 -4.61
CA ILE A 318 6.19 22.52 -4.52
C ILE A 318 7.04 22.63 -3.25
N ALA A 319 7.38 23.87 -2.87
CA ALA A 319 8.09 24.12 -1.63
C ALA A 319 7.26 23.63 -0.43
N ALA A 320 5.94 23.80 -0.51
CA ALA A 320 5.01 23.40 0.54
C ALA A 320 4.87 21.87 0.58
N THR A 321 4.70 21.27 -0.61
CA THR A 321 4.73 19.82 -0.76
C THR A 321 5.95 19.24 -0.04
N MET A 322 7.13 19.81 -0.31
CA MET A 322 8.38 19.31 0.22
C MET A 322 8.47 19.53 1.72
N GLU A 323 7.93 20.65 2.21
CA GLU A 323 7.92 20.93 3.64
C GLU A 323 7.10 19.85 4.35
N ASN A 324 5.94 19.50 3.77
CA ASN A 324 5.07 18.49 4.34
C ASN A 324 5.72 17.11 4.27
N ALA A 325 6.44 16.83 3.17
CA ALA A 325 7.07 15.52 3.01
C ALA A 325 8.19 15.32 4.02
N GLN A 326 8.97 16.39 4.29
CA GLN A 326 10.11 16.32 5.21
C GLN A 326 9.62 16.13 6.64
N LYS A 327 8.40 16.64 6.93
CA LYS A 327 7.81 16.51 8.25
C LYS A 327 7.11 15.16 8.40
N GLY A 328 6.75 14.54 7.28
CA GLY A 328 6.11 13.23 7.28
C GLY A 328 7.13 12.09 7.31
N GLU A 329 6.70 10.93 6.82
CA GLU A 329 7.56 9.77 6.63
C GLU A 329 7.20 9.09 5.31
N ILE A 330 8.22 8.65 4.58
CA ILE A 330 8.03 7.78 3.43
C ILE A 330 7.42 6.47 3.92
N MET A 331 6.41 5.99 3.20
CA MET A 331 5.67 4.80 3.59
C MET A 331 6.59 3.57 3.49
N PRO A 332 6.43 2.56 4.37
CA PRO A 332 7.01 1.24 4.11
C PRO A 332 6.43 0.65 2.82
N ASN A 333 7.16 -0.25 2.17
CA ASN A 333 6.66 -0.93 0.98
C ASN A 333 6.29 -2.38 1.29
N ILE A 334 6.38 -2.78 2.57
CA ILE A 334 6.22 -4.18 2.96
C ILE A 334 4.82 -4.68 2.61
N PRO A 335 4.62 -6.00 2.39
CA PRO A 335 3.32 -6.55 2.00
C PRO A 335 2.17 -6.34 2.99
N GLN A 336 2.53 -6.10 4.26
CA GLN A 336 1.57 -5.90 5.34
C GLN A 336 0.76 -4.61 5.13
N MET A 337 1.32 -3.66 4.37
CA MET A 337 0.77 -2.31 4.25
C MET A 337 -0.69 -2.37 3.82
N SER A 338 -1.01 -3.26 2.86
CA SER A 338 -2.35 -3.37 2.31
C SER A 338 -3.36 -3.65 3.43
N ALA A 339 -3.05 -4.64 4.27
CA ALA A 339 -3.89 -5.02 5.38
C ALA A 339 -4.03 -3.83 6.34
N PHE A 340 -2.90 -3.18 6.65
CA PHE A 340 -2.87 -2.06 7.56
C PHE A 340 -3.83 -0.97 7.07
N TRP A 341 -3.69 -0.55 5.81
CA TRP A 341 -4.56 0.46 5.25
C TRP A 341 -6.02 0.05 5.40
N TYR A 342 -6.36 -1.15 4.91
CA TYR A 342 -7.73 -1.65 4.96
C TYR A 342 -8.24 -1.64 6.41
N ALA A 343 -7.35 -1.96 7.35
CA ALA A 343 -7.69 -1.98 8.76
C ALA A 343 -7.97 -0.56 9.26
N VAL A 344 -7.12 0.41 8.90
CA VAL A 344 -7.26 1.77 9.41
C VAL A 344 -8.43 2.47 8.72
N ARG A 345 -8.66 2.13 7.45
CA ARG A 345 -9.82 2.62 6.72
C ARG A 345 -11.10 2.33 7.49
N THR A 346 -11.21 1.10 8.00
CA THR A 346 -12.37 0.65 8.74
C THR A 346 -12.48 1.39 10.08
N ALA A 347 -11.34 1.59 10.75
CA ALA A 347 -11.33 2.20 12.08
C ALA A 347 -11.86 3.63 12.03
N VAL A 348 -11.40 4.41 11.05
CA VAL A 348 -11.78 5.81 10.97
C VAL A 348 -13.26 5.90 10.61
N ILE A 349 -13.70 5.07 9.65
CA ILE A 349 -15.07 5.10 9.17
C ILE A 349 -16.02 4.76 10.32
N ASN A 350 -15.63 3.83 11.19
CA ASN A 350 -16.48 3.39 12.28
C ASN A 350 -16.52 4.45 13.40
N ALA A 351 -15.37 5.02 13.73
CA ALA A 351 -15.28 6.00 14.81
C ALA A 351 -15.99 7.29 14.41
N ALA A 352 -15.88 7.67 13.14
CA ALA A 352 -16.44 8.92 12.62
C ALA A 352 -17.98 8.82 12.57
N SER A 353 -18.48 7.62 12.26
CA SER A 353 -19.91 7.37 12.08
C SER A 353 -20.61 7.14 13.42
N GLY A 354 -19.86 6.59 14.40
CA GLY A 354 -20.41 6.28 15.71
C GLY A 354 -20.42 4.77 15.98
N ARG A 355 -20.39 3.98 14.89
CA ARG A 355 -20.55 2.54 14.95
C ARG A 355 -19.62 1.90 15.98
N GLN A 356 -18.41 2.45 16.14
CA GLN A 356 -17.48 2.08 17.20
C GLN A 356 -16.96 3.34 17.88
N THR A 357 -16.51 3.20 19.13
CA THR A 357 -15.74 4.25 19.77
C THR A 357 -14.32 4.23 19.22
N VAL A 358 -13.54 5.27 19.53
CA VAL A 358 -12.18 5.40 19.03
C VAL A 358 -11.32 4.25 19.56
N ASP A 359 -11.45 3.96 20.86
CA ASP A 359 -10.64 2.91 21.49
C ASP A 359 -10.94 1.56 20.85
N GLU A 360 -12.22 1.24 20.66
CA GLU A 360 -12.62 -0.03 20.06
C GLU A 360 -12.13 -0.09 18.62
N ALA A 361 -12.20 1.04 17.91
CA ALA A 361 -11.91 1.10 16.49
C ALA A 361 -10.42 0.87 16.22
N LEU A 362 -9.56 1.48 17.05
CA LEU A 362 -8.12 1.38 16.86
C LEU A 362 -7.62 0.02 17.35
N LYS A 363 -8.32 -0.56 18.34
CA LYS A 363 -8.00 -1.87 18.86
C LYS A 363 -8.16 -2.92 17.76
N ASP A 364 -9.31 -2.91 17.08
CA ASP A 364 -9.56 -3.84 15.98
C ASP A 364 -8.52 -3.63 14.88
N ALA A 365 -8.10 -2.38 14.67
CA ALA A 365 -7.09 -2.05 13.67
C ALA A 365 -5.74 -2.62 14.10
N GLN A 366 -5.44 -2.52 15.40
CA GLN A 366 -4.20 -3.05 15.95
C GLN A 366 -4.11 -4.56 15.68
N THR A 367 -5.23 -5.25 15.89
CA THR A 367 -5.33 -6.69 15.64
C THR A 367 -5.15 -7.01 14.15
N GLY A 368 -5.89 -6.31 13.29
CA GLY A 368 -5.91 -6.57 11.86
C GLY A 368 -4.54 -6.38 11.20
N SER A 369 -3.70 -5.54 11.82
CA SER A 369 -2.36 -5.24 11.33
C SER A 369 -1.34 -6.21 11.91
N GLU A 370 -1.58 -6.67 13.15
CA GLU A 370 -0.68 -7.57 13.86
C GLU A 370 -0.69 -8.97 13.23
N LEU A 371 -1.87 -9.38 12.74
CA LEU A 371 -2.16 -10.74 12.35
C LEU A 371 -1.08 -11.33 11.44
N TYR A 372 -0.56 -10.51 10.51
CA TYR A 372 0.43 -10.97 9.55
C TYR A 372 1.63 -11.54 10.29
N ARG A 373 2.04 -10.90 11.38
CA ARG A 373 3.23 -11.30 12.12
C ARG A 373 3.01 -12.65 12.80
N GLN A 374 1.91 -12.78 13.56
CA GLN A 374 1.67 -14.00 14.31
C GLN A 374 1.43 -15.17 13.36
N SER A 375 0.75 -14.91 12.24
CA SER A 375 0.55 -15.92 11.22
C SER A 375 1.91 -16.46 10.76
N LEU A 376 2.81 -15.53 10.43
CA LEU A 376 4.12 -15.89 9.90
C LEU A 376 4.94 -16.67 10.93
N GLU A 377 4.82 -16.28 12.19
CA GLU A 377 5.51 -16.97 13.26
C GLU A 377 5.14 -18.45 13.27
N ILE A 378 3.85 -18.75 13.06
CA ILE A 378 3.35 -20.10 13.21
C ILE A 378 3.67 -20.89 11.94
N ILE A 379 3.42 -20.30 10.78
CA ILE A 379 3.59 -20.98 9.51
C ILE A 379 5.07 -21.24 9.27
N SER A 380 5.93 -20.28 9.65
CA SER A 380 7.38 -20.41 9.49
C SER A 380 7.89 -21.67 10.16
N ARG A 381 7.56 -21.82 11.45
CA ARG A 381 8.17 -22.89 12.23
C ARG A 381 7.42 -24.20 12.02
N TYR A 382 6.18 -24.17 11.51
CA TYR A 382 5.51 -25.40 11.11
C TYR A 382 6.22 -25.96 9.87
N LEU A 383 6.38 -25.12 8.84
CA LEU A 383 7.06 -25.53 7.61
C LEU A 383 8.49 -25.98 7.91
N ARG A 384 9.19 -25.27 8.80
CA ARG A 384 10.59 -25.59 9.04
C ARG A 384 10.70 -26.90 9.82
N GLU A 385 9.87 -27.06 10.85
CA GLU A 385 9.73 -28.31 11.58
C GLU A 385 9.51 -29.48 10.61
N GLN A 386 8.53 -29.31 9.70
CA GLN A 386 8.08 -30.41 8.86
C GLN A 386 9.15 -30.82 7.85
N ALA A 387 9.95 -29.86 7.39
CA ALA A 387 10.79 -30.07 6.22
C ALA A 387 12.24 -30.41 6.58
N THR A 388 12.70 -30.05 7.79
CA THR A 388 14.12 -30.06 8.11
C THR A 388 14.35 -30.71 9.48
N GLY A 389 15.62 -30.88 9.82
CA GLY A 389 16.04 -31.47 11.09
C GLY A 389 16.11 -30.44 12.23
N ALA A 390 15.56 -29.25 12.02
CA ALA A 390 15.56 -28.20 13.03
C ALA A 390 14.93 -28.72 14.32
N ALA A 391 15.42 -28.23 15.46
CA ALA A 391 14.84 -28.57 16.75
C ALA A 391 13.43 -27.97 16.84
N ASP A 392 12.49 -28.77 17.36
CA ASP A 392 11.12 -28.34 17.57
C ASP A 392 11.04 -27.66 18.93
N THR A 393 11.28 -26.34 18.95
CA THR A 393 11.48 -25.62 20.21
C THR A 393 10.16 -25.07 20.74
N ALA A 394 9.11 -25.03 19.91
CA ALA A 394 7.82 -24.48 20.33
C ALA A 394 7.32 -25.21 21.57
N PRO A 395 7.29 -26.57 21.61
CA PRO A 395 6.88 -27.30 22.80
C PRO A 395 7.83 -27.12 23.98
N MET A 396 9.08 -26.73 23.68
CA MET A 396 10.08 -26.48 24.70
C MET A 396 9.89 -25.10 25.32
N GLY A 397 9.04 -24.26 24.71
CA GLY A 397 8.61 -23.00 25.29
C GLY A 397 9.34 -21.80 24.68
N ALA A 398 9.36 -21.74 23.34
CA ALA A 398 10.17 -20.78 22.61
C ALA A 398 9.40 -19.47 22.38
N SER A 399 8.17 -19.60 21.85
CA SER A 399 7.36 -18.45 21.51
C SER A 399 6.11 -18.41 22.41
N GLY A 400 5.15 -17.55 22.09
CA GLY A 400 3.96 -17.36 22.89
C GLY A 400 3.07 -18.61 22.93
N ALA A 401 2.08 -18.60 23.84
CA ALA A 401 1.25 -19.76 24.11
C ALA A 401 0.25 -19.99 22.98
N THR A 402 -0.21 -18.90 22.35
CA THR A 402 -1.09 -19.00 21.18
C THR A 402 -0.35 -19.70 20.04
N SER A 403 0.89 -19.28 19.78
CA SER A 403 1.72 -19.91 18.76
C SER A 403 1.97 -21.38 19.12
N ARG A 404 2.16 -21.65 20.41
CA ARG A 404 2.49 -22.98 20.88
C ARG A 404 1.33 -23.93 20.62
N LYS A 405 0.11 -23.51 20.99
CA LYS A 405 -1.06 -24.37 20.91
C LYS A 405 -1.53 -24.48 19.47
N ALA A 406 -1.33 -23.40 18.69
CA ALA A 406 -1.62 -23.42 17.27
C ALA A 406 -0.74 -24.46 16.57
N LEU A 407 0.54 -24.53 16.95
CA LEU A 407 1.48 -25.46 16.35
C LEU A 407 1.10 -26.90 16.70
N GLU A 408 0.78 -27.13 17.98
CA GLU A 408 0.31 -28.43 18.44
C GLU A 408 -0.91 -28.86 17.65
N THR A 409 -1.90 -27.97 17.57
CA THR A 409 -3.11 -28.21 16.80
C THR A 409 -2.72 -28.60 15.38
N LEU A 410 -1.80 -27.83 14.80
CA LEU A 410 -1.44 -27.96 13.40
C LEU A 410 -0.70 -29.28 13.15
N ARG A 411 0.09 -29.72 14.13
CA ARG A 411 0.79 -30.99 14.03
C ARG A 411 -0.22 -32.15 13.95
N ARG A 412 -1.33 -32.04 14.69
CA ARG A 412 -2.31 -33.11 14.70
C ARG A 412 -3.14 -33.09 13.43
N VAL A 413 -3.76 -31.94 13.15
CA VAL A 413 -4.72 -31.81 12.05
C VAL A 413 -3.96 -31.77 10.72
N GLY A 414 -2.83 -31.06 10.70
CA GLY A 414 -2.06 -30.88 9.48
C GLY A 414 -1.43 -32.18 8.99
N ASP A 415 -0.95 -32.99 9.93
CA ASP A 415 -0.31 -34.26 9.58
C ASP A 415 -1.37 -35.24 9.08
N GLY A 416 -2.57 -35.17 9.68
CA GLY A 416 -3.72 -35.92 9.18
C GLY A 416 -3.99 -35.64 7.71
N VAL A 417 -4.01 -34.35 7.34
CA VAL A 417 -4.28 -33.93 5.99
C VAL A 417 -3.22 -34.48 5.03
N GLN A 418 -1.94 -34.45 5.46
CA GLN A 418 -0.83 -34.86 4.61
C GLN A 418 -0.86 -36.37 4.40
N ARG A 419 -1.17 -37.12 5.47
CA ARG A 419 -1.31 -38.57 5.39
C ARG A 419 -2.37 -38.98 4.37
N ASN A 420 -3.51 -38.29 4.39
CA ASN A 420 -4.70 -38.72 3.70
C ASN A 420 -4.71 -38.24 2.25
N HIS A 421 -3.87 -37.26 1.90
CA HIS A 421 -3.98 -36.61 0.60
C HIS A 421 -2.62 -36.57 -0.10
N GLU A 422 -1.72 -37.49 0.31
CA GLU A 422 -0.43 -37.71 -0.31
C GLU A 422 -0.50 -37.55 -1.82
N THR A 423 -1.30 -38.41 -2.48
CA THR A 423 -1.28 -38.49 -3.94
C THR A 423 -1.83 -37.20 -4.55
N ALA A 424 -2.81 -36.59 -3.88
CA ALA A 424 -3.40 -35.34 -4.36
C ALA A 424 -2.38 -34.21 -4.26
N PHE A 425 -1.55 -34.23 -3.21
CA PHE A 425 -0.49 -33.24 -3.04
C PHE A 425 0.61 -33.45 -4.08
N GLN A 426 0.98 -34.70 -4.36
CA GLN A 426 1.94 -34.98 -5.42
C GLN A 426 1.43 -34.44 -6.75
N GLY A 427 0.13 -34.59 -6.99
CA GLY A 427 -0.50 -34.19 -8.24
C GLY A 427 -0.45 -32.67 -8.43
N MET A 428 -0.70 -31.93 -7.36
CA MET A 428 -0.72 -30.47 -7.44
C MET A 428 0.71 -29.95 -7.59
N LEU A 429 1.66 -30.53 -6.85
CA LEU A 429 3.05 -30.12 -6.92
C LEU A 429 3.63 -30.42 -8.30
N ARG A 430 3.31 -31.60 -8.84
CA ARG A 430 3.79 -32.02 -10.15
C ARG A 430 3.22 -31.09 -11.22
N LYS A 431 1.97 -30.63 -11.02
CA LYS A 431 1.34 -29.68 -11.92
C LYS A 431 2.01 -28.32 -11.80
N LEU A 432 2.46 -27.96 -10.59
CA LEU A 432 3.30 -26.78 -10.40
C LEU A 432 4.69 -27.08 -10.96
N ASP A 433 5.50 -26.02 -11.08
CA ASP A 433 6.80 -26.12 -11.73
C ASP A 433 7.86 -25.59 -10.78
N ILE A 434 7.93 -26.18 -9.57
CA ILE A 434 8.71 -25.62 -8.47
C ILE A 434 10.09 -26.27 -8.42
N LYS A 435 11.12 -25.49 -8.76
CA LYS A 435 12.50 -25.94 -8.68
C LYS A 435 13.42 -24.84 -8.14
N ASN A 436 12.84 -23.70 -7.73
CA ASN A 436 13.63 -22.51 -7.42
C ASN A 436 12.76 -21.50 -6.69
N GLU A 437 13.34 -20.32 -6.40
CA GLU A 437 12.70 -19.33 -5.55
C GLU A 437 11.62 -18.56 -6.32
N ASP A 438 11.79 -18.46 -7.66
CA ASP A 438 10.84 -17.74 -8.49
C ASP A 438 9.52 -18.50 -8.53
N ASP A 439 9.62 -19.84 -8.54
CA ASP A 439 8.47 -20.71 -8.74
C ASP A 439 7.63 -20.78 -7.46
N VAL A 440 8.29 -20.59 -6.30
CA VAL A 440 7.62 -20.53 -5.02
C VAL A 440 6.67 -19.33 -5.00
N LYS A 441 7.03 -18.27 -5.73
CA LYS A 441 6.15 -17.12 -5.90
C LYS A 441 4.97 -17.46 -6.81
N SER A 442 5.21 -18.36 -7.78
CA SER A 442 4.18 -18.81 -8.70
C SER A 442 3.12 -19.64 -7.98
N LEU A 443 3.44 -20.14 -6.79
CA LEU A 443 2.46 -20.73 -5.89
C LEU A 443 1.54 -19.64 -5.34
N SER A 444 2.14 -18.49 -5.00
CA SER A 444 1.42 -17.35 -4.47
C SER A 444 0.23 -17.00 -5.37
N ARG A 445 0.48 -17.05 -6.67
CA ARG A 445 -0.53 -16.74 -7.68
C ARG A 445 -1.57 -17.85 -7.73
N VAL A 446 -1.14 -19.05 -8.10
CA VAL A 446 -2.02 -20.16 -8.41
C VAL A 446 -3.06 -20.34 -7.31
N MET A 447 -2.61 -20.39 -6.05
CA MET A 447 -3.41 -20.93 -4.96
C MET A 447 -4.63 -20.07 -4.66
N ILE A 448 -4.55 -18.75 -4.91
CA ILE A 448 -5.65 -17.86 -4.57
C ILE A 448 -6.92 -18.30 -5.31
N HIS A 449 -6.76 -18.80 -6.55
CA HIS A 449 -7.87 -19.36 -7.30
C HIS A 449 -8.43 -20.60 -6.60
N VAL A 450 -7.53 -21.45 -6.10
CA VAL A 450 -7.93 -22.70 -5.45
C VAL A 450 -8.45 -22.41 -4.04
N PHE A 451 -7.89 -21.38 -3.39
CA PHE A 451 -8.12 -21.15 -1.97
C PHE A 451 -9.25 -20.16 -1.75
N SER A 452 -9.20 -19.01 -2.44
CA SER A 452 -10.14 -17.92 -2.19
C SER A 452 -11.54 -18.28 -2.67
N ASP A 453 -11.62 -18.94 -3.84
CA ASP A 453 -12.90 -19.31 -4.43
C ASP A 453 -13.72 -20.10 -3.43
N GLY A 454 -14.96 -19.67 -3.21
CA GLY A 454 -15.89 -20.36 -2.33
C GLY A 454 -15.89 -19.78 -0.91
N VAL A 455 -16.24 -20.62 0.05
CA VAL A 455 -16.39 -20.20 1.44
C VAL A 455 -15.00 -20.16 2.08
N THR A 456 -14.94 -19.85 3.39
CA THR A 456 -13.71 -19.96 4.16
C THR A 456 -13.98 -20.68 5.48
N ASN A 457 -13.15 -21.66 5.80
CA ASN A 457 -13.19 -22.34 7.09
C ASN A 457 -11.76 -22.74 7.48
N TRP A 458 -11.59 -23.20 8.72
CA TRP A 458 -10.27 -23.54 9.22
C TRP A 458 -9.71 -24.77 8.49
N GLY A 459 -10.60 -25.71 8.14
CA GLY A 459 -10.23 -26.87 7.35
C GLY A 459 -9.45 -26.47 6.10
N ARG A 460 -10.02 -25.56 5.32
CA ARG A 460 -9.42 -25.11 4.07
C ARG A 460 -8.07 -24.44 4.34
N ILE A 461 -7.96 -23.78 5.51
CA ILE A 461 -6.77 -23.04 5.87
C ILE A 461 -5.66 -24.02 6.22
N VAL A 462 -5.97 -25.00 7.06
CA VAL A 462 -5.04 -26.07 7.40
C VAL A 462 -4.54 -26.74 6.12
N THR A 463 -5.43 -26.92 5.15
CA THR A 463 -5.08 -27.57 3.89
C THR A 463 -4.00 -26.75 3.18
N LEU A 464 -4.16 -25.41 3.15
CA LEU A 464 -3.20 -24.53 2.50
C LEU A 464 -1.83 -24.67 3.16
N ILE A 465 -1.81 -24.63 4.49
CA ILE A 465 -0.57 -24.67 5.25
C ILE A 465 0.07 -26.05 5.09
N SER A 466 -0.76 -27.10 5.22
CA SER A 466 -0.33 -28.49 5.09
C SER A 466 0.31 -28.73 3.72
N PHE A 467 -0.30 -28.17 2.67
CA PHE A 467 0.26 -28.27 1.34
C PHE A 467 1.59 -27.52 1.29
N GLY A 468 1.67 -26.39 2.00
CA GLY A 468 2.89 -25.62 2.13
C GLY A 468 4.03 -26.43 2.75
N ALA A 469 3.71 -27.19 3.80
CA ALA A 469 4.65 -28.09 4.44
C ALA A 469 5.11 -29.15 3.45
N PHE A 470 4.17 -29.66 2.64
CA PHE A 470 4.47 -30.69 1.67
C PHE A 470 5.45 -30.15 0.62
N VAL A 471 5.26 -28.88 0.24
CA VAL A 471 6.13 -28.24 -0.75
C VAL A 471 7.50 -27.94 -0.13
N ALA A 472 7.52 -27.56 1.16
CA ALA A 472 8.77 -27.28 1.87
C ALA A 472 9.66 -28.51 1.92
N LYS A 473 9.04 -29.69 2.08
CA LYS A 473 9.77 -30.96 2.08
C LYS A 473 10.42 -31.18 0.72
N HIS A 474 9.70 -30.86 -0.36
CA HIS A 474 10.24 -30.96 -1.70
C HIS A 474 11.44 -30.05 -1.88
N LEU A 475 11.34 -28.81 -1.36
CA LEU A 475 12.38 -27.81 -1.53
C LEU A 475 13.66 -28.25 -0.83
N LYS A 476 13.51 -28.84 0.36
CA LYS A 476 14.64 -29.38 1.11
C LYS A 476 15.30 -30.47 0.26
N THR A 477 14.46 -31.28 -0.39
CA THR A 477 14.89 -32.45 -1.15
C THR A 477 15.79 -32.04 -2.32
N ILE A 478 15.51 -30.90 -2.94
CA ILE A 478 16.25 -30.45 -4.12
C ILE A 478 17.22 -29.33 -3.74
N ASN A 479 17.73 -29.35 -2.50
CA ASN A 479 18.69 -28.37 -2.03
C ASN A 479 18.16 -26.95 -2.26
N GLN A 480 17.02 -26.64 -1.63
CA GLN A 480 16.38 -25.35 -1.81
C GLN A 480 15.74 -24.90 -0.49
N GLU A 481 16.37 -25.27 0.64
CA GLU A 481 15.91 -24.94 1.97
C GLU A 481 15.73 -23.43 2.14
N SER A 482 16.51 -22.64 1.39
CA SER A 482 16.48 -21.20 1.50
C SER A 482 15.15 -20.60 1.05
N CYS A 483 14.35 -21.38 0.29
CA CYS A 483 13.06 -20.89 -0.21
C CYS A 483 11.92 -21.17 0.77
N ILE A 484 12.16 -22.00 1.79
CA ILE A 484 11.12 -22.40 2.72
C ILE A 484 10.58 -21.18 3.44
N GLU A 485 11.46 -20.27 3.84
CA GLU A 485 11.05 -19.10 4.61
C GLU A 485 10.27 -18.14 3.68
N PRO A 486 10.78 -17.81 2.48
CA PRO A 486 9.97 -17.10 1.48
C PRO A 486 8.63 -17.77 1.12
N LEU A 487 8.63 -19.11 1.07
CA LEU A 487 7.41 -19.86 0.84
C LEU A 487 6.42 -19.58 1.96
N ALA A 488 6.91 -19.59 3.21
CA ALA A 488 6.07 -19.33 4.36
C ALA A 488 5.50 -17.91 4.31
N GLU A 489 6.29 -16.96 3.79
CA GLU A 489 5.86 -15.57 3.68
C GLU A 489 4.76 -15.44 2.63
N SER A 490 4.91 -16.14 1.50
CA SER A 490 3.90 -16.16 0.45
C SER A 490 2.56 -16.63 1.01
N ILE A 491 2.54 -17.86 1.56
CA ILE A 491 1.34 -18.44 2.15
C ILE A 491 0.73 -17.45 3.13
N THR A 492 1.56 -16.88 4.00
CA THR A 492 1.10 -16.02 5.07
C THR A 492 0.47 -14.75 4.48
N ASP A 493 1.08 -14.25 3.40
CA ASP A 493 0.62 -13.05 2.72
C ASP A 493 -0.73 -13.33 2.06
N VAL A 494 -0.75 -14.36 1.21
CA VAL A 494 -1.93 -14.81 0.49
C VAL A 494 -3.10 -15.02 1.45
N LEU A 495 -2.83 -15.62 2.61
CA LEU A 495 -3.87 -16.00 3.55
C LEU A 495 -4.45 -14.76 4.22
N VAL A 496 -3.57 -13.94 4.82
CA VAL A 496 -3.98 -12.86 5.70
C VAL A 496 -4.74 -11.79 4.91
N ARG A 497 -4.26 -11.46 3.71
CA ARG A 497 -4.86 -10.40 2.92
C ARG A 497 -6.20 -10.87 2.34
N THR A 498 -6.28 -12.17 2.00
CA THR A 498 -7.48 -12.72 1.38
C THR A 498 -8.56 -12.96 2.42
N LYS A 499 -8.20 -13.34 3.64
CA LYS A 499 -9.18 -13.74 4.64
C LYS A 499 -9.08 -12.87 5.89
N ARG A 500 -8.67 -11.61 5.70
CA ARG A 500 -8.40 -10.66 6.78
C ARG A 500 -9.63 -10.50 7.67
N ASP A 501 -10.76 -10.15 7.05
CA ASP A 501 -12.00 -9.91 7.79
C ASP A 501 -12.38 -11.16 8.58
N TRP A 502 -12.49 -12.29 7.86
CA TRP A 502 -12.90 -13.54 8.46
C TRP A 502 -11.98 -13.92 9.61
N LEU A 503 -10.66 -13.80 9.39
CA LEU A 503 -9.68 -14.11 10.42
C LEU A 503 -9.89 -13.23 11.64
N VAL A 504 -10.14 -11.93 11.42
CA VAL A 504 -10.37 -11.00 12.51
C VAL A 504 -11.69 -11.34 13.19
N LYS A 505 -12.70 -11.72 12.40
CA LYS A 505 -13.99 -12.18 12.94
C LYS A 505 -13.77 -13.37 13.87
N GLN A 506 -12.99 -14.36 13.42
CA GLN A 506 -12.78 -15.58 14.19
C GLN A 506 -11.87 -15.35 15.39
N ARG A 507 -11.26 -14.15 15.48
CA ARG A 507 -10.28 -13.81 16.50
C ARG A 507 -8.97 -14.53 16.23
N GLY A 508 -8.60 -14.62 14.94
CA GLY A 508 -7.31 -15.12 14.52
C GLY A 508 -7.02 -16.54 15.01
N TRP A 509 -5.80 -16.73 15.54
CA TRP A 509 -5.26 -18.05 15.81
C TRP A 509 -5.84 -18.62 17.10
N ASP A 510 -6.36 -17.75 17.98
CA ASP A 510 -7.08 -18.20 19.16
C ASP A 510 -8.35 -18.94 18.72
N GLY A 511 -8.98 -18.47 17.64
CA GLY A 511 -10.15 -19.13 17.09
C GLY A 511 -9.82 -20.52 16.55
N PHE A 512 -8.81 -20.57 15.67
CA PHE A 512 -8.28 -21.83 15.16
C PHE A 512 -8.07 -22.81 16.31
N VAL A 513 -7.34 -22.37 17.35
CA VAL A 513 -7.00 -23.23 18.47
C VAL A 513 -8.29 -23.72 19.13
N GLU A 514 -9.26 -22.81 19.26
CA GLU A 514 -10.55 -23.11 19.87
C GLU A 514 -11.29 -24.16 19.02
N PHE A 515 -11.39 -23.89 17.71
CA PHE A 515 -12.19 -24.70 16.81
C PHE A 515 -11.94 -26.19 17.04
N PHE A 516 -10.65 -26.58 17.00
CA PHE A 516 -10.28 -27.99 17.08
C PHE A 516 -10.14 -28.44 18.55
N HIS A 517 -9.74 -27.52 19.42
CA HIS A 517 -9.49 -27.82 20.83
C HIS A 517 -8.82 -29.18 20.99
N VAL A 518 -7.62 -29.32 20.39
CA VAL A 518 -6.82 -30.53 20.49
C VAL A 518 -6.27 -30.64 21.92
C1 GLC B . -3.59 9.23 -4.46
C2 GLC B . -2.18 8.79 -4.09
C3 GLC B . -2.15 7.45 -3.38
C4 GLC B . -3.18 7.39 -2.25
C5 GLC B . -4.55 7.80 -2.77
C6 GLC B . -5.59 7.85 -1.67
O1 GLC B . -4.09 8.50 -5.54
O2 GLC B . -1.35 8.74 -5.26
O3 GLC B . -0.84 7.27 -2.86
O4 GLC B . -3.26 6.05 -1.73
O5 GLC B . -4.48 9.12 -3.34
O6 GLC B . -6.92 7.97 -2.20
C1 GLC B . -2.56 5.74 -0.57
C2 GLC B . -1.81 4.42 -0.77
C3 GLC B . -2.79 3.29 -1.00
C4 GLC B . -3.80 3.23 0.15
C5 GLC B . -4.45 4.59 0.39
C6 GLC B . -5.28 4.63 1.66
O2 GLC B . -0.85 4.56 -1.83
O3 GLC B . -2.08 2.05 -1.09
O4 GLC B . -4.82 2.27 -0.13
O5 GLC B . -3.44 5.62 0.54
O6 GLC B . -6.23 5.69 1.63
O6 WXW C . -14.45 -27.11 3.26
C45 WXW C . -13.89 -28.16 3.40
C9 WXW C . -13.31 -28.49 4.75
C10 WXW C . -14.39 -28.70 5.81
C11 WXW C . -13.77 -28.67 7.19
C16 WXW C . -13.89 -27.55 7.99
C15 WXW C . -13.33 -27.52 9.26
C14 WXW C . -12.64 -28.63 9.73
C13 WXW C . -12.51 -29.75 8.94
C12 WXW C . -13.08 -29.77 7.67
N2 WXW C . -12.46 -29.68 4.68
C8 WXW C . -11.11 -29.65 4.39
O1 WXW C . -10.53 -28.63 4.08
C7 WXW C . -10.36 -30.96 4.52
C17 WXW C . -9.96 -31.15 5.97
C22 WXW C . -9.19 -30.21 6.64
C21 WXW C . -8.83 -30.40 7.97
C20 WXW C . -9.25 -31.54 8.66
C19 WXW C . -10.02 -32.49 7.99
C18 WXW C . -10.38 -32.29 6.66
N1 WXW C . -9.21 -30.87 3.62
C6 WXW C . -8.69 -32.03 3.09
O2 WXW C . -9.12 -33.12 3.40
C5 WXW C . -7.59 -31.95 2.05
C4 WXW C . -8.08 -32.20 0.62
C3 WXW C . -6.88 -32.06 -0.33
C2 WXW C . -7.33 -32.44 -1.76
C23 WXW C . -9.27 -31.33 0.18
C24 WXW C . -9.71 -31.77 -1.23
C1 WXW C . -8.56 -31.65 -2.24
N WXW C . -8.09 -30.25 -2.39
N5 WXW C . -13.75 -29.03 2.32
C42 WXW C . -14.22 -28.67 0.97
C43 WXW C . -15.58 -29.25 0.61
O5 WXW C . -16.15 -28.70 -0.29
N4 WXW C . -16.25 -30.34 1.18
C44 WXW C . -15.76 -31.19 2.28
C41 WXW C . -13.19 -29.08 -0.11
C40 WXW C . -11.97 -28.19 -0.06
C37 WXW C . -11.70 -27.19 -1.00
C36 WXW C . -10.54 -26.42 -0.91
C39 WXW C . -11.06 -28.39 0.96
C38 WXW C . -9.91 -27.62 1.05
C35 WXW C . -9.64 -26.62 0.14
N3 WXW C . -8.41 -25.94 0.32
C34 WXW C . -7.78 -25.05 -0.66
C33 WXW C . -6.43 -25.61 -1.05
C26 WXW C . -6.34 -26.90 -1.57
O3 WXW C . -7.46 -27.63 -1.74
C25 WXW C . -8.08 -27.82 -3.01
C WXW C . -8.72 -29.18 -2.98
O WXW C . -9.83 -29.35 -3.47
C32 WXW C . -5.27 -24.87 -0.88
C31 WXW C . -4.03 -25.40 -1.23
C30 WXW C . -3.94 -26.68 -1.76
C27 WXW C . -5.10 -27.44 -1.94
O4 WXW C . -5.07 -28.70 -2.44
C28 WXW C . -3.96 -29.30 -3.08
C29 WXW C . -4.40 -30.64 -3.66
#